data_2JGR
#
_entry.id   2JGR
#
_cell.length_a   124.968
_cell.length_b   124.968
_cell.length_c   54.163
_cell.angle_alpha   90.00
_cell.angle_beta   90.00
_cell.angle_gamma   90.00
#
_symmetry.space_group_name_H-M   'P 42 21 2'
#
loop_
_entity.id
_entity.type
_entity.pdbx_description
1 polymer YEGS
2 non-polymer 'PYROPHOSPHATE 2-'
3 water water
#
_entity_poly.entity_id   1
_entity_poly.type   'polypeptide(L)'
_entity_poly.pdbx_seq_one_letter_code
;(MSE)AEFPASLLILNGKSTDNLPLREAI(MSE)LLREEG(MSE)TIHVRVTWEKGDAARYVEEARKFGVATVIAGGGDG
TINEVSTALIQCEGDDIPALGILPLGTANDFATSVGIPEALDKALKLAIAGDAIAID(MSE)AQVNKQTCFIN(MSE)AT
GGFGTRITTETPEKLKAALGSVSYIIHGL(MSE)R(MSE)DTLQPDRCEIRGENFHWQGDALVIGIGNGRQAGGGQQLCP
NALINDGLLQLRIFTGDEILPALVSTLKSDEDNPNIIEGASSWFDIQAPHDITFNLDGEPLSGQNFHIEILPAALRCRLP
PDCPLLR
;
_entity_poly.pdbx_strand_id   A
#
loop_
_chem_comp.id
_chem_comp.type
_chem_comp.name
_chem_comp.formula
POP non-polymer 'PYROPHOSPHATE 2-' 'H2 O7 P2 -2'
#
# COMPACT_ATOMS: atom_id res chain seq x y z
N PHE A 4 6.16 26.42 10.41
CA PHE A 4 6.65 25.22 9.62
C PHE A 4 6.51 23.78 10.16
N PRO A 5 5.83 22.89 9.41
CA PRO A 5 5.59 21.60 10.09
C PRO A 5 6.81 20.68 9.99
N ALA A 6 7.13 20.05 11.12
CA ALA A 6 8.26 19.14 11.21
C ALA A 6 7.90 17.84 10.53
N SER A 7 8.91 17.13 10.03
CA SER A 7 8.75 15.87 9.25
C SER A 7 9.89 14.95 9.58
N LEU A 8 9.60 13.66 9.64
CA LEU A 8 10.69 12.68 9.67
C LEU A 8 10.57 11.79 8.44
N LEU A 9 11.66 11.63 7.74
CA LEU A 9 11.65 10.87 6.53
C LEU A 9 12.35 9.52 6.74
N ILE A 10 11.63 8.46 6.39
CA ILE A 10 12.13 7.11 6.56
C ILE A 10 12.57 6.59 5.22
N LEU A 11 13.88 6.49 5.04
CA LEU A 11 14.45 6.07 3.77
C LEU A 11 14.68 4.57 3.74
N ASN A 12 14.22 3.95 2.67
CA ASN A 12 14.43 2.58 2.49
C ASN A 12 15.88 2.42 2.19
N GLY A 13 16.51 1.44 2.84
CA GLY A 13 17.95 1.22 2.74
C GLY A 13 18.55 1.21 1.35
N LYS A 14 17.77 0.75 0.35
CA LYS A 14 18.23 0.64 -1.05
C LYS A 14 18.31 1.98 -1.78
N SER A 15 17.18 2.64 -1.86
CA SER A 15 17.12 4.00 -2.42
C SER A 15 17.85 5.14 -1.67
N THR A 16 19.07 4.93 -1.15
CA THR A 16 19.73 5.98 -0.31
C THR A 16 20.46 7.06 -1.08
N ASP A 17 21.72 6.81 -1.43
CA ASP A 17 22.44 7.32 -2.64
C ASP A 17 21.49 7.83 -3.74
N ASN A 18 21.45 9.15 -3.83
CA ASN A 18 20.45 9.91 -4.54
C ASN A 18 20.81 11.33 -4.17
N LEU A 19 21.86 11.84 -4.81
CA LEU A 19 22.34 13.17 -4.47
C LEU A 19 21.19 14.23 -4.49
N PRO A 20 20.30 14.18 -5.53
CA PRO A 20 19.20 15.14 -5.61
C PRO A 20 18.37 15.22 -4.34
N LEU A 21 17.95 14.08 -3.80
CA LEU A 21 17.24 14.03 -2.52
C LEU A 21 18.05 14.59 -1.38
N ARG A 22 19.32 14.22 -1.30
CA ARG A 22 20.14 14.85 -0.29
C ARG A 22 20.12 16.38 -0.39
N GLU A 23 20.31 16.90 -1.60
CA GLU A 23 20.36 18.37 -1.87
C GLU A 23 19.00 18.99 -1.72
N ALA A 24 17.97 18.26 -2.12
CA ALA A 24 16.62 18.72 -1.88
C ALA A 24 16.35 18.84 -0.38
N ILE A 25 16.81 17.87 0.43
CA ILE A 25 16.61 17.98 1.86
C ILE A 25 17.40 19.19 2.45
N MSE A 26 18.55 19.54 1.84
CA MSE A 26 19.35 20.63 2.39
C MSE A 26 18.64 21.94 2.21
O MSE A 26 18.48 22.72 3.16
CB MSE A 26 20.75 20.70 1.75
CG MSE A 26 21.56 19.38 1.85
SE MSE A 26 22.09 18.77 3.69
CE MSE A 26 20.48 18.05 4.60
N LEU A 27 18.19 22.15 0.96
CA LEU A 27 17.51 23.37 0.52
C LEU A 27 16.44 23.70 1.53
N LEU A 28 15.55 22.73 1.77
CA LEU A 28 14.34 22.88 2.58
C LEU A 28 14.59 23.04 4.08
N ARG A 29 15.64 22.38 4.53
CA ARG A 29 16.02 22.38 5.93
C ARG A 29 16.42 23.79 6.31
N GLU A 30 17.05 24.49 5.38
CA GLU A 30 17.49 25.86 5.65
C GLU A 30 16.44 26.91 5.27
N GLU A 31 15.52 26.56 4.37
CA GLU A 31 14.33 27.36 4.21
C GLU A 31 13.54 27.34 5.52
N GLY A 32 14.01 26.53 6.48
CA GLY A 32 13.45 26.46 7.85
C GLY A 32 12.64 25.23 8.22
N MSE A 33 12.64 24.22 7.35
CA MSE A 33 11.92 22.96 7.67
C MSE A 33 12.76 21.95 8.44
O MSE A 33 13.93 21.76 8.14
CB MSE A 33 11.28 22.35 6.43
CG MSE A 33 10.02 23.12 6.07
SE MSE A 33 9.44 22.69 4.31
CE MSE A 33 10.78 23.65 3.25
N THR A 34 12.16 21.39 9.48
CA THR A 34 12.77 20.25 10.15
C THR A 34 12.42 19.01 9.32
N ILE A 35 13.45 18.35 8.82
CA ILE A 35 13.21 17.07 8.16
C ILE A 35 14.20 16.06 8.70
N HIS A 36 13.81 15.32 9.74
CA HIS A 36 14.66 14.27 10.23
C HIS A 36 14.77 13.20 9.18
N VAL A 37 15.91 12.55 9.07
CA VAL A 37 16.01 11.42 8.15
C VAL A 37 16.40 10.18 8.96
N ARG A 38 15.97 9.01 8.53
CA ARG A 38 16.27 7.74 9.19
C ARG A 38 16.28 6.71 8.09
N VAL A 39 17.30 5.83 8.09
CA VAL A 39 17.43 4.85 7.04
C VAL A 39 17.12 3.47 7.60
N THR A 40 16.42 2.64 6.84
CA THR A 40 16.02 1.34 7.37
C THR A 40 17.04 0.34 6.88
N TRP A 41 17.21 -0.72 7.66
CA TRP A 41 18.09 -1.79 7.33
C TRP A 41 17.28 -3.07 7.15
N GLU A 42 16.08 -3.15 7.73
CA GLU A 42 15.33 -4.40 7.73
C GLU A 42 13.90 -4.29 8.32
N LYS A 43 13.09 -5.36 8.15
CA LYS A 43 11.79 -5.44 8.81
C LYS A 43 11.90 -4.95 10.29
N GLY A 44 10.93 -4.13 10.72
CA GLY A 44 10.79 -3.69 12.09
C GLY A 44 11.43 -2.33 12.26
N ASP A 45 12.35 -1.97 11.37
CA ASP A 45 12.97 -0.63 11.48
C ASP A 45 11.95 0.48 11.35
N ALA A 46 11.10 0.38 10.32
CA ALA A 46 10.02 1.36 10.05
C ALA A 46 9.26 1.73 11.32
N ALA A 47 8.80 0.72 12.04
CA ALA A 47 8.01 0.93 13.26
C ALA A 47 8.83 1.68 14.29
N ARG A 48 10.12 1.38 14.38
CA ARG A 48 10.90 2.07 15.42
C ARG A 48 10.98 3.57 15.15
N TYR A 49 11.15 3.91 13.88
CA TYR A 49 11.37 5.28 13.48
C TYR A 49 10.04 6.00 13.41
N VAL A 50 8.93 5.27 13.22
CA VAL A 50 7.62 5.87 13.42
C VAL A 50 7.45 6.27 14.90
N GLU A 51 7.83 5.38 15.79
CA GLU A 51 7.68 5.69 17.20
C GLU A 51 8.45 6.93 17.48
N GLU A 52 9.59 7.08 16.83
CA GLU A 52 10.48 8.18 17.13
C GLU A 52 9.90 9.46 16.61
N ALA A 53 9.33 9.39 15.42
CA ALA A 53 8.54 10.50 14.87
C ALA A 53 7.48 11.03 15.85
N ARG A 54 6.77 10.12 16.51
CA ARG A 54 5.78 10.54 17.49
C ARG A 54 6.42 11.33 18.61
N LYS A 55 7.52 10.83 19.19
CA LYS A 55 8.29 11.60 20.20
C LYS A 55 8.48 13.03 19.81
N PHE A 56 8.94 13.27 18.60
CA PHE A 56 9.18 14.63 18.12
C PHE A 56 7.92 15.44 17.85
N GLY A 57 6.78 14.76 17.85
CA GLY A 57 5.49 15.40 17.54
C GLY A 57 5.44 15.90 16.11
N VAL A 58 6.18 15.24 15.22
CA VAL A 58 6.21 15.56 13.82
C VAL A 58 4.81 15.56 13.16
N ALA A 59 4.69 16.30 12.05
CA ALA A 59 3.39 16.46 11.38
C ALA A 59 3.11 15.32 10.42
N THR A 60 4.15 14.88 9.75
CA THR A 60 4.04 13.82 8.74
C THR A 60 5.17 12.81 8.92
N VAL A 61 4.91 11.54 8.64
CA VAL A 61 6.01 10.63 8.43
C VAL A 61 6.07 10.33 6.95
N ILE A 62 7.24 10.42 6.34
CA ILE A 62 7.31 10.27 4.87
C ILE A 62 7.97 8.97 4.43
N ALA A 63 7.24 8.12 3.71
CA ALA A 63 7.82 6.87 3.27
C ALA A 63 8.62 7.08 2.01
N GLY A 64 9.95 6.95 2.10
CA GLY A 64 10.84 7.03 0.93
C GLY A 64 11.24 5.64 0.43
N GLY A 65 10.50 5.14 -0.55
CA GLY A 65 10.47 3.70 -0.86
C GLY A 65 9.40 3.42 -1.91
N GLY A 66 9.20 2.12 -2.19
CA GLY A 66 8.16 1.66 -3.11
C GLY A 66 7.02 1.25 -2.25
N ASP A 67 6.15 0.40 -2.80
CA ASP A 67 4.97 -0.02 -2.01
C ASP A 67 5.31 -0.65 -0.64
N GLY A 68 6.34 -1.50 -0.56
CA GLY A 68 6.68 -2.18 0.69
C GLY A 68 7.01 -1.28 1.86
N THR A 69 7.80 -0.25 1.59
CA THR A 69 8.13 0.75 2.59
C THR A 69 6.90 1.55 2.93
N ILE A 70 6.09 1.84 1.91
CA ILE A 70 4.82 2.53 2.19
C ILE A 70 3.98 1.74 3.14
N ASN A 71 3.93 0.39 2.98
CA ASN A 71 3.21 -0.48 3.95
C ASN A 71 3.82 -0.56 5.30
N GLU A 72 5.14 -0.52 5.39
CA GLU A 72 5.73 -0.72 6.70
C GLU A 72 5.42 0.50 7.51
N VAL A 73 5.48 1.64 6.84
CA VAL A 73 5.24 2.89 7.48
C VAL A 73 3.73 3.04 7.80
N SER A 74 2.89 2.74 6.82
CA SER A 74 1.47 2.74 7.06
C SER A 74 1.07 1.78 8.19
N THR A 75 1.59 0.55 8.20
CA THR A 75 1.12 -0.42 9.17
C THR A 75 1.49 0.07 10.52
N ALA A 76 2.71 0.57 10.69
CA ALA A 76 3.04 1.11 11.99
C ALA A 76 2.18 2.34 12.27
N LEU A 77 1.87 3.14 11.25
CA LEU A 77 1.07 4.33 11.53
C LEU A 77 -0.25 3.86 12.07
N ILE A 78 -0.95 3.05 11.30
CA ILE A 78 -2.23 2.68 11.74
C ILE A 78 -2.20 1.80 12.97
N GLN A 79 -1.04 1.47 13.56
CA GLN A 79 -1.11 0.90 14.93
C GLN A 79 -0.54 1.76 16.03
N CYS A 80 -0.64 3.05 15.84
CA CYS A 80 -0.35 3.92 16.94
C CYS A 80 -1.59 4.00 17.84
N GLU A 81 -1.36 3.83 19.13
CA GLU A 81 -2.26 4.34 20.17
C GLU A 81 -2.20 5.89 20.17
N GLY A 82 -3.27 6.58 20.59
CA GLY A 82 -3.16 8.01 20.99
C GLY A 82 -3.79 9.08 20.10
N ASP A 83 -3.32 10.33 20.25
CA ASP A 83 -3.95 11.48 19.54
C ASP A 83 -3.22 12.23 18.38
N ASP A 84 -1.93 12.54 18.49
CA ASP A 84 -1.26 13.18 17.35
C ASP A 84 -0.46 12.22 16.49
N ILE A 85 -1.20 11.33 15.83
CA ILE A 85 -0.63 10.44 14.83
C ILE A 85 -0.29 11.34 13.64
N PRO A 86 0.95 11.29 13.16
CA PRO A 86 1.42 11.97 11.98
C PRO A 86 0.69 11.52 10.78
N ALA A 87 0.64 12.32 9.73
CA ALA A 87 0.09 11.79 8.49
C ALA A 87 1.17 11.04 7.78
N LEU A 88 0.82 10.44 6.69
CA LEU A 88 1.77 9.75 5.83
C LEU A 88 2.10 10.67 4.68
N GLY A 89 3.32 10.67 4.19
CA GLY A 89 3.66 11.39 2.99
C GLY A 89 4.47 10.41 2.17
N ILE A 90 4.56 10.61 0.86
CA ILE A 90 5.13 9.57 0.03
C ILE A 90 6.20 10.11 -0.89
N LEU A 91 7.32 9.41 -0.97
CA LEU A 91 8.32 9.73 -1.98
C LEU A 91 8.59 8.46 -2.74
N PRO A 92 8.29 8.48 -4.04
CA PRO A 92 8.39 7.34 -4.93
C PRO A 92 9.85 6.99 -5.18
N LEU A 93 10.36 6.03 -4.43
CA LEU A 93 11.77 5.68 -4.54
C LEU A 93 11.96 4.17 -4.70
N GLY A 94 10.85 3.44 -4.83
CA GLY A 94 10.95 2.04 -5.15
C GLY A 94 11.46 1.80 -6.56
N THR A 95 11.45 0.55 -7.00
CA THR A 95 11.83 0.30 -8.38
C THR A 95 10.56 0.38 -9.19
N ALA A 96 9.47 -0.19 -8.67
CA ALA A 96 8.15 0.26 -9.09
C ALA A 96 7.37 0.90 -7.89
N ASN A 97 6.60 1.93 -8.26
CA ASN A 97 5.88 2.68 -7.29
C ASN A 97 4.45 2.74 -7.71
N ASP A 98 3.90 1.57 -8.05
CA ASP A 98 2.50 1.49 -8.48
C ASP A 98 1.59 2.37 -7.63
N PHE A 99 1.67 2.23 -6.32
CA PHE A 99 0.70 2.96 -5.53
C PHE A 99 0.88 4.45 -5.72
N ALA A 100 2.13 4.91 -5.71
CA ALA A 100 2.38 6.34 -5.79
C ALA A 100 2.03 6.92 -7.18
N THR A 101 2.38 6.20 -8.23
CA THR A 101 2.01 6.61 -9.56
C THR A 101 0.49 6.79 -9.63
N SER A 102 -0.27 5.86 -9.07
CA SER A 102 -1.71 5.85 -9.28
C SER A 102 -2.46 6.88 -8.45
N VAL A 103 -1.82 7.44 -7.42
CA VAL A 103 -2.47 8.49 -6.67
C VAL A 103 -1.93 9.78 -7.20
N GLY A 104 -1.11 9.62 -8.25
CA GLY A 104 -0.43 10.73 -8.92
C GLY A 104 0.51 11.54 -8.05
N ILE A 105 1.33 10.89 -7.21
CA ILE A 105 2.46 11.58 -6.56
C ILE A 105 3.38 12.11 -7.66
N PRO A 106 3.80 13.39 -7.55
CA PRO A 106 4.66 14.04 -8.54
C PRO A 106 5.90 13.25 -8.85
N GLU A 107 6.19 13.16 -10.16
CA GLU A 107 7.41 12.52 -10.69
C GLU A 107 8.61 13.43 -10.31
N ALA A 108 8.51 14.71 -10.68
CA ALA A 108 9.41 15.79 -10.17
C ALA A 108 9.71 15.66 -8.66
N LEU A 109 10.96 15.29 -8.34
CA LEU A 109 11.42 15.02 -6.95
C LEU A 109 11.19 16.11 -5.89
N ASP A 110 11.28 17.39 -6.26
CA ASP A 110 11.13 18.50 -5.30
C ASP A 110 9.65 18.71 -4.92
N LYS A 111 8.78 18.70 -5.95
CA LYS A 111 7.32 18.80 -5.81
C LYS A 111 6.72 17.67 -4.93
N ALA A 112 7.31 16.48 -5.06
CA ALA A 112 6.91 15.36 -4.29
C ALA A 112 7.18 15.59 -2.82
N LEU A 113 8.38 16.02 -2.52
CA LEU A 113 8.71 16.39 -1.16
C LEU A 113 7.75 17.44 -0.67
N LYS A 114 7.45 18.39 -1.55
CA LYS A 114 6.62 19.54 -1.20
C LYS A 114 5.23 19.03 -0.79
N LEU A 115 4.58 18.24 -1.66
CA LEU A 115 3.36 17.44 -1.32
C LEU A 115 3.52 16.67 0.02
N ALA A 116 4.55 15.84 0.09
CA ALA A 116 4.68 15.02 1.25
C ALA A 116 4.79 15.77 2.57
N ILE A 117 5.45 16.95 2.55
CA ILE A 117 5.51 17.83 3.73
C ILE A 117 4.29 18.76 3.94
N ALA A 118 3.74 19.31 2.85
CA ALA A 118 2.80 20.44 3.02
C ALA A 118 1.41 20.10 2.58
N GLY A 119 1.29 19.08 1.72
CA GLY A 119 0.06 18.57 1.13
C GLY A 119 -1.20 18.56 2.01
N ASP A 120 -2.39 18.51 1.42
CA ASP A 120 -3.53 18.38 2.30
C ASP A 120 -3.70 16.92 2.61
N ALA A 121 -3.75 16.61 3.89
CA ALA A 121 -3.79 15.24 4.25
C ALA A 121 -5.23 14.86 4.05
N ILE A 122 -5.48 13.63 3.64
CA ILE A 122 -6.82 13.08 3.54
C ILE A 122 -6.87 11.63 4.08
N ALA A 123 -7.85 11.31 4.93
CA ALA A 123 -8.06 9.95 5.44
C ALA A 123 -8.25 8.95 4.32
N ILE A 124 -7.55 7.84 4.40
CA ILE A 124 -7.67 6.80 3.43
C ILE A 124 -7.75 5.46 4.13
N ASP A 125 -8.13 4.44 3.36
CA ASP A 125 -8.36 3.10 3.85
C ASP A 125 -7.11 2.28 3.78
N MSE A 126 -6.84 1.45 4.77
CA MSE A 126 -5.88 0.33 4.61
C MSE A 126 -6.62 -1.00 4.53
O MSE A 126 -7.79 -1.14 4.97
CB MSE A 126 -4.96 0.27 5.79
CG MSE A 126 -3.98 1.39 5.86
SE MSE A 126 -2.54 0.94 4.68
CE MSE A 126 -1.65 -0.34 5.76
N ALA A 127 -5.96 -2.00 3.98
CA ALA A 127 -6.55 -3.30 3.97
C ALA A 127 -5.75 -4.11 4.96
N GLN A 128 -6.41 -5.04 5.64
CA GLN A 128 -5.69 -5.90 6.56
C GLN A 128 -6.10 -7.37 6.49
N VAL A 129 -5.07 -8.20 6.40
CA VAL A 129 -5.24 -9.61 6.22
C VAL A 129 -5.10 -10.37 7.52
N ASN A 130 -6.09 -11.16 7.86
CA ASN A 130 -6.06 -11.93 9.10
C ASN A 130 -5.64 -11.09 10.30
N LYS A 131 -6.41 -10.04 10.54
CA LYS A 131 -6.09 -9.13 11.60
C LYS A 131 -4.58 -8.92 11.86
N GLN A 132 -3.72 -9.02 10.85
CA GLN A 132 -2.27 -8.97 11.09
C GLN A 132 -1.58 -8.18 10.05
N THR A 133 -1.13 -8.81 8.96
CA THR A 133 -0.47 -8.08 7.85
C THR A 133 -1.43 -7.07 7.17
N CYS A 134 -0.91 -5.91 6.76
CA CYS A 134 -1.67 -4.87 6.03
C CYS A 134 -1.15 -4.56 4.68
N PHE A 135 -1.98 -3.93 3.87
CA PHE A 135 -1.52 -3.45 2.58
C PHE A 135 -2.35 -2.26 2.13
N ILE A 136 -1.71 -1.35 1.46
CA ILE A 136 -2.36 -0.11 1.12
C ILE A 136 -2.80 -0.16 -0.33
N ASN A 137 -2.30 -1.16 -1.08
CA ASN A 137 -2.54 -1.17 -2.52
C ASN A 137 -3.22 -2.38 -3.13
N MSE A 138 -2.49 -3.51 -3.22
CA MSE A 138 -3.02 -4.65 -3.96
C MSE A 138 -2.68 -5.94 -3.32
O MSE A 138 -1.56 -6.10 -2.87
CB MSE A 138 -2.46 -4.64 -5.38
CG MSE A 138 -3.07 -5.69 -6.24
SE MSE A 138 -4.92 -5.38 -6.77
CE MSE A 138 -4.75 -3.98 -7.93
N ALA A 139 -3.63 -6.86 -3.30
CA ALA A 139 -3.37 -8.24 -2.98
C ALA A 139 -3.69 -9.06 -4.19
N THR A 140 -2.75 -9.87 -4.66
CA THR A 140 -3.03 -10.83 -5.76
C THR A 140 -2.65 -12.22 -5.35
N GLY A 141 -3.46 -13.18 -5.72
CA GLY A 141 -3.40 -14.53 -5.15
C GLY A 141 -3.38 -15.55 -6.24
N GLY A 142 -2.58 -16.59 -6.03
CA GLY A 142 -2.49 -17.66 -7.03
C GLY A 142 -2.14 -18.96 -6.38
N PHE A 143 -2.25 -20.01 -7.16
CA PHE A 143 -1.84 -21.30 -6.70
C PHE A 143 -0.51 -21.60 -7.37
N GLY A 144 0.54 -21.53 -6.55
CA GLY A 144 1.88 -21.62 -7.10
C GLY A 144 2.71 -22.49 -6.20
N THR A 145 3.86 -21.96 -5.76
CA THR A 145 4.79 -22.69 -4.84
C THR A 145 5.61 -21.76 -3.93
N ILE A 166 1.58 -14.00 -15.41
CA ILE A 166 2.19 -14.69 -14.28
C ILE A 166 3.29 -13.82 -13.62
N HIS A 167 4.43 -13.76 -14.31
CA HIS A 167 5.78 -13.39 -13.80
C HIS A 167 5.97 -12.39 -12.65
N GLY A 168 6.63 -11.28 -12.97
CA GLY A 168 6.71 -10.09 -12.12
C GLY A 168 5.31 -9.51 -12.05
N LEU A 169 4.48 -9.93 -13.03
CA LEU A 169 3.01 -9.82 -12.96
C LEU A 169 2.51 -10.03 -11.49
N MSE A 170 3.27 -10.77 -10.65
CA MSE A 170 2.94 -11.06 -9.23
C MSE A 170 3.89 -12.02 -8.48
O MSE A 170 3.45 -13.05 -7.92
CB MSE A 170 1.52 -11.62 -9.13
CG MSE A 170 1.22 -12.82 -10.04
SE MSE A 170 -0.43 -13.74 -9.52
CE MSE A 170 0.17 -14.51 -7.61
N ARG A 171 5.19 -11.69 -8.47
CA ARG A 171 6.25 -12.47 -7.77
C ARG A 171 6.09 -14.01 -7.82
N MSE A 172 5.37 -14.50 -8.84
CA MSE A 172 5.12 -15.94 -8.98
C MSE A 172 5.38 -16.44 -10.42
O MSE A 172 5.49 -15.63 -11.35
CB MSE A 172 3.70 -16.28 -8.51
CG MSE A 172 3.62 -16.61 -7.03
SE MSE A 172 2.41 -17.88 -6.74
CE MSE A 172 2.55 -18.80 -8.27
N ASP A 173 5.47 -17.76 -10.57
CA ASP A 173 6.15 -18.41 -11.72
C ASP A 173 5.33 -19.55 -12.41
N THR A 174 4.85 -20.49 -11.59
CA THR A 174 3.88 -21.48 -12.03
C THR A 174 2.49 -21.08 -11.50
N LEU A 175 1.55 -20.97 -12.43
CA LEU A 175 0.23 -20.50 -12.06
C LEU A 175 -0.79 -21.48 -12.60
N GLN A 176 -1.45 -22.19 -11.70
CA GLN A 176 -2.42 -23.21 -12.07
C GLN A 176 -3.76 -22.97 -11.43
N PRO A 177 -4.85 -23.30 -12.11
CA PRO A 177 -6.14 -22.98 -11.53
C PRO A 177 -6.48 -23.97 -10.42
N ASP A 178 -7.12 -23.51 -9.32
CA ASP A 178 -7.48 -24.42 -8.21
C ASP A 178 -8.62 -23.89 -7.36
N ARG A 179 -9.31 -24.81 -6.68
CA ARG A 179 -10.52 -24.49 -5.95
C ARG A 179 -10.32 -23.45 -4.89
N CYS A 180 -11.22 -22.46 -4.86
CA CYS A 180 -11.51 -21.68 -3.69
C CYS A 180 -12.92 -21.20 -3.64
N GLU A 181 -13.27 -20.73 -2.45
CA GLU A 181 -14.55 -20.16 -2.18
C GLU A 181 -14.24 -18.81 -1.57
N ILE A 182 -15.04 -17.81 -1.96
CA ILE A 182 -14.79 -16.41 -1.57
C ILE A 182 -16.08 -15.76 -1.10
N ARG A 183 -16.08 -14.96 -0.04
CA ARG A 183 -17.34 -14.25 0.32
C ARG A 183 -17.15 -12.86 0.89
N GLY A 184 -18.17 -12.03 0.72
CA GLY A 184 -18.20 -10.69 1.27
C GLY A 184 -19.66 -10.28 1.33
N GLU A 185 -19.96 -9.01 1.66
CA GLU A 185 -21.37 -8.54 1.69
C GLU A 185 -22.10 -8.88 0.39
N ASN A 186 -23.10 -9.76 0.49
CA ASN A 186 -23.86 -10.15 -0.70
C ASN A 186 -22.92 -10.56 -1.81
N PHE A 187 -21.86 -11.24 -1.42
CA PHE A 187 -21.04 -11.82 -2.42
C PHE A 187 -20.65 -13.21 -1.99
N HIS A 188 -20.80 -14.17 -2.88
CA HIS A 188 -20.35 -15.51 -2.60
C HIS A 188 -19.91 -16.15 -3.90
N TRP A 189 -18.77 -16.82 -3.90
CA TRP A 189 -18.40 -17.49 -5.13
C TRP A 189 -17.58 -18.72 -4.82
N GLN A 190 -17.77 -19.76 -5.65
CA GLN A 190 -16.94 -20.92 -5.57
C GLN A 190 -16.51 -21.53 -6.93
N GLY A 191 -15.23 -21.78 -7.15
CA GLY A 191 -14.84 -22.42 -8.40
C GLY A 191 -13.35 -22.58 -8.43
N ASP A 192 -12.78 -23.01 -9.54
CA ASP A 192 -11.32 -22.89 -9.66
C ASP A 192 -11.06 -21.51 -10.23
N ALA A 193 -9.87 -20.98 -9.96
CA ALA A 193 -9.51 -19.59 -10.16
C ALA A 193 -8.05 -19.61 -10.41
N LEU A 194 -7.57 -18.68 -11.24
CA LEU A 194 -6.15 -18.56 -11.55
C LEU A 194 -5.52 -17.43 -10.80
N VAL A 195 -6.20 -16.30 -10.78
CA VAL A 195 -5.67 -15.17 -10.05
C VAL A 195 -6.81 -14.55 -9.29
N ILE A 196 -6.52 -14.10 -8.06
CA ILE A 196 -7.46 -13.33 -7.26
C ILE A 196 -6.80 -11.98 -6.96
N GLY A 197 -7.42 -10.89 -7.38
CA GLY A 197 -6.91 -9.57 -7.09
C GLY A 197 -7.96 -8.98 -6.19
N ILE A 198 -7.55 -8.59 -4.99
CA ILE A 198 -8.36 -7.81 -4.11
C ILE A 198 -7.63 -6.50 -3.89
N GLY A 199 -8.17 -5.40 -4.40
CA GLY A 199 -7.47 -4.09 -4.37
C GLY A 199 -7.99 -3.01 -3.42
N ASN A 200 -7.08 -2.30 -2.77
CA ASN A 200 -7.34 -0.98 -2.29
C ASN A 200 -7.08 0.00 -3.40
N GLY A 201 -6.09 -0.27 -4.24
CA GLY A 201 -5.72 0.60 -5.35
C GLY A 201 -6.09 -0.07 -6.66
N ARG A 202 -5.61 0.48 -7.76
CA ARG A 202 -6.04 0.08 -9.09
C ARG A 202 -5.07 -0.92 -9.69
N GLN A 203 -3.77 -0.67 -9.53
CA GLN A 203 -2.78 -1.32 -10.37
C GLN A 203 -1.77 -2.02 -9.50
N ALA A 204 -1.47 -3.23 -9.89
CA ALA A 204 -0.44 -3.99 -9.22
C ALA A 204 0.87 -3.84 -9.99
N GLY A 205 1.97 -4.21 -9.30
CA GLY A 205 3.32 -4.44 -9.87
C GLY A 205 3.40 -4.63 -11.39
N GLY A 206 4.24 -3.83 -12.02
CA GLY A 206 4.17 -3.72 -13.46
C GLY A 206 3.32 -2.49 -13.69
N GLY A 207 2.02 -2.59 -13.44
CA GLY A 207 1.19 -1.40 -13.58
C GLY A 207 0.04 -1.54 -14.54
N GLN A 208 -0.68 -2.65 -14.42
CA GLN A 208 -1.92 -2.80 -15.14
C GLN A 208 -3.01 -2.93 -14.13
N GLN A 209 -4.07 -2.18 -14.42
CA GLN A 209 -5.33 -2.18 -13.70
C GLN A 209 -5.80 -3.58 -13.45
N LEU A 210 -5.76 -4.06 -12.22
CA LEU A 210 -6.52 -5.25 -11.88
C LEU A 210 -7.91 -4.84 -11.44
N CYS A 211 -8.02 -3.76 -10.67
CA CYS A 211 -9.33 -3.25 -10.23
C CYS A 211 -9.51 -1.80 -10.64
N PRO A 212 -9.80 -1.55 -11.91
CA PRO A 212 -9.70 -0.22 -12.47
C PRO A 212 -10.61 0.80 -11.83
N ASN A 213 -11.56 0.36 -10.99
CA ASN A 213 -12.47 1.33 -10.35
C ASN A 213 -12.33 1.47 -8.83
N ALA A 214 -11.29 0.88 -8.25
CA ALA A 214 -10.97 1.03 -6.83
C ALA A 214 -10.93 2.47 -6.40
N LEU A 215 -11.35 2.78 -5.19
CA LEU A 215 -11.04 4.10 -4.62
C LEU A 215 -10.52 3.82 -3.24
N ILE A 216 -9.56 4.60 -2.77
CA ILE A 216 -9.03 4.35 -1.44
C ILE A 216 -9.81 5.06 -0.35
N ASN A 217 -10.94 5.65 -0.69
CA ASN A 217 -11.79 6.17 0.38
C ASN A 217 -13.28 5.80 0.26
N ASP A 218 -13.63 4.63 -0.27
CA ASP A 218 -15.01 4.26 -0.29
C ASP A 218 -15.33 3.18 0.72
N GLY A 219 -14.31 2.77 1.46
CA GLY A 219 -14.49 1.70 2.46
C GLY A 219 -14.79 0.31 1.91
N LEU A 220 -14.57 0.09 0.59
CA LEU A 220 -14.71 -1.21 -0.05
C LEU A 220 -13.41 -1.74 -0.62
N LEU A 221 -13.18 -3.02 -0.44
CA LEU A 221 -12.21 -3.65 -1.33
C LEU A 221 -12.96 -3.99 -2.62
N GLN A 222 -12.22 -3.93 -3.75
CA GLN A 222 -12.61 -4.46 -5.03
C GLN A 222 -12.06 -5.90 -5.22
N LEU A 223 -12.89 -6.83 -5.67
CA LEU A 223 -12.43 -8.18 -5.92
C LEU A 223 -12.50 -8.53 -7.40
N ARG A 224 -11.45 -9.10 -7.98
CA ARG A 224 -11.55 -9.62 -9.37
C ARG A 224 -11.09 -11.05 -9.41
N ILE A 225 -11.97 -11.97 -9.80
CA ILE A 225 -11.52 -13.33 -9.87
C ILE A 225 -11.26 -13.69 -11.31
N PHE A 226 -10.02 -14.09 -11.59
CA PHE A 226 -9.67 -14.62 -12.90
C PHE A 226 -9.73 -16.15 -13.03
N THR A 227 -10.76 -16.57 -13.73
CA THR A 227 -11.10 -17.96 -14.02
C THR A 227 -10.43 -18.48 -15.29
N GLY A 228 -10.08 -19.78 -15.33
CA GLY A 228 -9.67 -20.43 -16.59
C GLY A 228 -8.19 -20.31 -16.87
N ASP A 229 -7.83 -19.60 -17.97
CA ASP A 229 -6.40 -19.28 -18.45
C ASP A 229 -6.17 -17.98 -19.26
N ASN A 245 -18.39 -10.13 -19.44
CA ASN A 245 -17.34 -11.16 -19.46
C ASN A 245 -17.36 -12.25 -18.33
N PRO A 246 -17.66 -13.53 -18.69
CA PRO A 246 -17.79 -14.68 -17.72
C PRO A 246 -16.45 -15.19 -17.07
N ASN A 247 -15.33 -14.91 -17.74
CA ASN A 247 -14.00 -15.23 -17.23
C ASN A 247 -13.48 -14.39 -16.03
N ILE A 248 -14.18 -13.31 -15.69
CA ILE A 248 -13.80 -12.49 -14.58
C ILE A 248 -15.04 -12.24 -13.79
N ILE A 249 -14.98 -12.46 -12.48
CA ILE A 249 -16.10 -12.22 -11.59
C ILE A 249 -15.67 -11.03 -10.74
N GLU A 250 -16.62 -10.15 -10.40
CA GLU A 250 -16.25 -8.90 -9.73
C GLU A 250 -17.08 -8.63 -8.51
N GLY A 251 -16.53 -7.85 -7.60
CA GLY A 251 -17.27 -7.63 -6.39
C GLY A 251 -16.56 -6.59 -5.62
N ALA A 252 -17.27 -6.11 -4.60
CA ALA A 252 -16.92 -4.92 -3.89
C ALA A 252 -17.49 -5.09 -2.49
N SER A 253 -16.62 -5.05 -1.49
CA SER A 253 -17.08 -5.32 -0.17
C SER A 253 -16.09 -4.83 0.84
N SER A 254 -16.58 -4.43 1.99
CA SER A 254 -15.70 -3.97 3.02
C SER A 254 -14.88 -5.16 3.60
N TRP A 255 -15.21 -6.40 3.25
CA TRP A 255 -14.50 -7.60 3.72
C TRP A 255 -14.60 -8.72 2.73
N PHE A 256 -13.59 -9.57 2.65
CA PHE A 256 -13.76 -10.85 1.93
C PHE A 256 -13.14 -12.01 2.67
N ASP A 257 -13.87 -13.11 2.82
CA ASP A 257 -13.23 -14.34 3.31
C ASP A 257 -12.87 -15.20 2.10
N ILE A 258 -11.68 -15.81 2.18
CA ILE A 258 -11.22 -16.73 1.12
C ILE A 258 -10.80 -18.05 1.76
N GLN A 259 -11.30 -19.17 1.26
CA GLN A 259 -10.73 -20.46 1.67
C GLN A 259 -10.45 -21.38 0.48
N ALA A 260 -9.42 -22.19 0.62
CA ALA A 260 -9.01 -23.12 -0.43
C ALA A 260 -8.40 -24.36 0.22
N PRO A 261 -8.66 -25.55 -0.34
CA PRO A 261 -8.08 -26.76 0.25
C PRO A 261 -6.58 -26.82 0.10
N HIS A 262 -6.05 -26.18 -0.93
CA HIS A 262 -4.61 -26.06 -1.03
C HIS A 262 -4.25 -24.64 -0.81
N ASP A 263 -3.00 -24.43 -0.47
CA ASP A 263 -2.50 -23.13 -0.12
C ASP A 263 -2.65 -22.14 -1.22
N ILE A 264 -3.07 -20.93 -0.86
CA ILE A 264 -3.03 -19.83 -1.82
C ILE A 264 -1.83 -18.99 -1.53
N THR A 265 -1.20 -18.47 -2.58
CA THR A 265 -0.09 -17.54 -2.37
C THR A 265 -0.47 -16.12 -2.77
N PHE A 266 -0.72 -15.33 -1.73
CA PHE A 266 -1.01 -13.90 -1.88
C PHE A 266 0.26 -13.08 -1.85
N ASN A 267 0.40 -12.21 -2.82
CA ASN A 267 1.44 -11.19 -2.83
C ASN A 267 0.72 -9.91 -2.32
N LEU A 268 1.08 -9.43 -1.12
CA LEU A 268 0.46 -8.22 -0.53
C LEU A 268 1.45 -7.11 -0.63
N ASP A 269 1.32 -6.37 -1.71
CA ASP A 269 2.25 -5.26 -1.93
C ASP A 269 3.69 -5.73 -1.67
N GLY A 270 4.10 -6.71 -2.48
CA GLY A 270 5.39 -7.40 -2.31
C GLY A 270 5.45 -8.47 -1.23
N GLU A 271 5.05 -8.22 0.01
CA GLU A 271 5.03 -9.28 1.03
C GLU A 271 4.26 -10.60 0.65
N PRO A 272 4.93 -11.78 0.65
CA PRO A 272 4.19 -13.05 0.49
C PRO A 272 3.51 -13.54 1.79
N LEU A 273 2.38 -14.20 1.59
CA LEU A 273 1.62 -14.79 2.65
C LEU A 273 0.97 -16.00 2.02
N SER A 274 1.12 -17.16 2.66
CA SER A 274 0.52 -18.39 2.14
C SER A 274 -0.45 -19.01 3.10
N GLY A 275 -1.43 -19.75 2.62
CA GLY A 275 -2.32 -20.41 3.56
C GLY A 275 -3.57 -20.82 2.86
N GLN A 276 -4.46 -21.46 3.59
CA GLN A 276 -5.81 -21.80 3.11
C GLN A 276 -6.95 -20.92 3.65
N ASN A 277 -6.67 -19.97 4.52
CA ASN A 277 -7.71 -19.08 4.99
C ASN A 277 -7.28 -17.66 5.08
N PHE A 278 -7.92 -16.81 4.27
CA PHE A 278 -7.76 -15.37 4.39
C PHE A 278 -9.07 -14.63 4.67
N HIS A 279 -9.01 -13.79 5.70
CA HIS A 279 -10.01 -12.76 5.95
C HIS A 279 -9.36 -11.37 5.66
N ILE A 280 -9.80 -10.73 4.57
CA ILE A 280 -9.30 -9.40 4.19
C ILE A 280 -10.32 -8.29 4.53
N GLU A 281 -9.94 -7.33 5.37
CA GLU A 281 -10.93 -6.37 5.87
C GLU A 281 -10.43 -4.97 5.67
N ILE A 282 -11.30 -4.07 5.24
CA ILE A 282 -10.88 -2.71 5.20
C ILE A 282 -10.82 -2.02 6.57
N LEU A 283 -9.78 -1.22 6.77
CA LEU A 283 -9.71 -0.39 7.94
C LEU A 283 -10.12 0.95 7.39
N PRO A 284 -11.40 1.32 7.55
CA PRO A 284 -11.81 2.53 6.83
C PRO A 284 -11.21 3.74 7.50
N ALA A 285 -10.62 4.63 6.69
CA ALA A 285 -10.11 5.90 7.12
C ALA A 285 -9.04 5.73 8.18
N ALA A 286 -8.16 4.75 8.01
CA ALA A 286 -7.24 4.35 9.07
C ALA A 286 -6.06 5.24 9.22
N LEU A 287 -5.61 5.87 8.13
CA LEU A 287 -4.59 6.92 8.23
C LEU A 287 -4.83 8.08 7.25
N ARG A 288 -4.08 9.14 7.47
CA ARG A 288 -4.22 10.38 6.70
C ARG A 288 -2.97 10.47 5.85
N CYS A 289 -3.19 10.76 4.56
CA CYS A 289 -2.13 10.75 3.60
C CYS A 289 -2.12 12.14 2.93
N ARG A 290 -0.92 12.67 2.71
CA ARG A 290 -0.85 13.86 1.93
C ARG A 290 -0.97 13.46 0.48
N LEU A 291 -2.06 13.84 -0.18
CA LEU A 291 -2.33 13.40 -1.55
C LEU A 291 -2.56 14.63 -2.41
N PRO A 292 -2.26 14.55 -3.73
CA PRO A 292 -2.42 15.76 -4.53
C PRO A 292 -3.90 16.00 -4.70
N PRO A 293 -4.29 17.26 -4.95
CA PRO A 293 -5.72 17.68 -4.94
C PRO A 293 -6.61 16.82 -5.82
N ASP A 294 -6.14 16.53 -7.01
CA ASP A 294 -7.09 15.90 -7.84
C ASP A 294 -7.23 14.40 -7.74
N CYS A 295 -6.61 13.82 -6.73
CA CYS A 295 -6.23 12.42 -6.73
C CYS A 295 -7.14 11.44 -7.48
N PRO A 296 -6.64 10.71 -8.48
CA PRO A 296 -7.53 9.74 -9.19
C PRO A 296 -8.25 8.66 -8.34
N LEU A 297 -7.83 8.38 -7.10
CA LEU A 297 -8.41 7.25 -6.34
C LEU A 297 -9.27 7.68 -5.18
N LEU A 298 -9.65 8.96 -5.17
CA LEU A 298 -10.57 9.48 -4.15
C LEU A 298 -11.95 9.70 -4.77
N ARG A 299 -13.02 9.36 -4.04
CA ARG A 299 -14.40 9.53 -4.54
C ARG A 299 -14.72 11.01 -4.77
P1 POP B . 9.97 -1.47 -1.13
O1 POP B . 8.67 -1.92 -1.76
O2 POP B . 10.53 -2.57 -0.21
O3 POP B . 9.68 -0.20 -0.37
O POP B . 10.94 -1.12 -2.39
P2 POP B . 10.84 -1.67 -3.94
O4 POP B . 10.26 -3.06 -3.88
O5 POP B . 12.25 -1.65 -4.54
O6 POP B . 9.89 -0.92 -4.85
#